data_1BUA
#
_entry.id   1BUA
#
_cell.length_a   50.300
_cell.length_b   64.200
_cell.length_c   49.400
_cell.angle_alpha   109.30
_cell.angle_beta   108.30
_cell.angle_gamma   96.30
#
_symmetry.space_group_name_H-M   'P 1'
#
loop_
_entity.id
_entity.type
_entity.pdbx_description
1 polymer "DNA (5'-D(*AP*AP*AP*GP*AP*CP*IP*TP*CP*TP*T)-3')"
2 polymer 'ENDONUCLEASE ECORV'
3 water water
#
loop_
_entity_poly.entity_id
_entity_poly.type
_entity_poly.pdbx_seq_one_letter_code
_entity_poly.pdbx_strand_id
1 'polydeoxyribonucleotide' (DA)(DA)(DA)(DG)(DA)(DC)(DI)(DT)(DC)(DT)(DT) C,D
2 'polypeptide(L)'
;SLRSDLINALYDENQKYDVCGIISAEGKIYPLGSDTKVLSTIFELFSRPIINKIAEKHGYIVEEPKQQNHYPDFTLYKPS
EPNKKIAIDIKTTYTNKENEKIKFTLGGYTSFIRNNTKNIVYPFDQYIAHWIIGYVYTRVATRKSSLKTYNINELNEIPK
PYKGVKVFLQDKWVIAGDLAGSGNTTNIGSIHAHYKDFVEGKGIFDSEDEFLDYWRNYERTSQLRNDKYNNISEYRNWIY
RGRK
;
A,B
#
# COMPACT_ATOMS: atom_id res chain seq x y z
N SER C 1 -20.06 6.78 25.24
CA SER C 1 -19.01 5.78 25.38
C SER C 1 -17.90 6.16 24.43
N LEU C 2 -16.78 5.46 24.55
CA LEU C 2 -15.62 5.66 23.69
C LEU C 2 -16.07 5.45 22.23
N ARG C 3 -16.80 4.38 22.00
CA ARG C 3 -17.28 4.04 20.67
C ARG C 3 -18.16 5.14 20.06
N SER C 4 -19.19 5.56 20.80
CA SER C 4 -20.12 6.58 20.35
C SER C 4 -19.38 7.89 20.10
N ASP C 5 -18.50 8.25 21.01
CA ASP C 5 -17.72 9.47 20.89
C ASP C 5 -16.81 9.42 19.67
N LEU C 6 -16.16 8.28 19.48
CA LEU C 6 -15.25 8.03 18.35
C LEU C 6 -16.03 8.17 17.03
N ILE C 7 -17.18 7.51 16.97
CA ILE C 7 -18.07 7.55 15.82
C ILE C 7 -18.49 8.99 15.48
N ASN C 8 -18.93 9.73 16.48
CA ASN C 8 -19.36 11.13 16.29
C ASN C 8 -18.23 12.02 15.81
N ALA C 9 -17.06 11.90 16.42
CA ALA C 9 -15.91 12.69 16.02
C ALA C 9 -15.51 12.42 14.55
N LEU C 10 -15.41 11.14 14.16
CA LEU C 10 -15.04 10.77 12.79
C LEU C 10 -16.08 11.26 11.82
N TYR C 11 -17.34 11.08 12.20
CA TYR C 11 -18.47 11.52 11.39
C TYR C 11 -18.43 13.03 11.19
N ASP C 12 -18.15 13.76 12.28
CA ASP C 12 -18.06 15.22 12.26
C ASP C 12 -16.90 15.72 11.40
N GLU C 13 -15.68 15.33 11.77
CA GLU C 13 -14.46 15.73 11.06
C GLU C 13 -14.57 15.47 9.57
N ASN C 14 -15.16 14.34 9.22
CA ASN C 14 -15.32 14.00 7.83
C ASN C 14 -16.31 14.92 7.09
N GLN C 15 -17.25 15.49 7.84
CA GLN C 15 -18.23 16.40 7.26
C GLN C 15 -17.54 17.74 7.01
N LYS C 16 -16.77 18.20 8.00
CA LYS C 16 -16.11 19.48 7.90
C LYS C 16 -14.67 19.47 7.41
N TYR C 17 -14.29 18.49 6.59
CA TYR C 17 -12.91 18.42 6.12
C TYR C 17 -12.72 17.63 4.83
N ASP C 18 -11.68 18.05 4.10
CA ASP C 18 -11.29 17.46 2.83
C ASP C 18 -9.78 17.61 2.81
N VAL C 19 -9.07 16.51 2.59
CA VAL C 19 -7.60 16.55 2.50
C VAL C 19 -7.24 16.99 1.06
N CYS C 20 -6.34 17.95 0.96
CA CYS C 20 -5.96 18.57 -0.31
C CYS C 20 -4.67 18.06 -0.94
N GLY C 21 -3.74 17.63 -0.12
CA GLY C 21 -2.48 17.16 -0.64
C GLY C 21 -1.48 17.13 0.46
N ILE C 22 -0.22 16.93 0.09
CA ILE C 22 0.86 16.91 1.07
C ILE C 22 1.56 18.27 1.06
N ILE C 23 2.13 18.63 2.19
CA ILE C 23 2.76 19.92 2.28
C ILE C 23 4.17 19.78 2.76
N SER C 24 5.05 20.59 2.19
CA SER C 24 6.45 20.61 2.57
C SER C 24 6.65 21.68 3.63
N ALA C 25 7.76 21.59 4.36
CA ALA C 25 8.06 22.55 5.40
C ALA C 25 8.26 23.95 4.82
N GLU C 26 8.49 24.01 3.51
CA GLU C 26 8.68 25.29 2.84
C GLU C 26 7.36 25.76 2.26
N GLY C 27 6.27 25.10 2.67
CA GLY C 27 4.96 25.51 2.22
C GLY C 27 4.48 25.15 0.84
N LYS C 28 5.20 24.31 0.10
CA LYS C 28 4.72 23.92 -1.24
C LYS C 28 3.74 22.78 -1.06
N ILE C 29 2.64 22.81 -1.76
CA ILE C 29 1.68 21.73 -1.59
C ILE C 29 1.63 20.87 -2.86
N TYR C 30 1.57 19.56 -2.64
CA TYR C 30 1.52 18.58 -3.73
C TYR C 30 0.18 17.90 -3.70
N PRO C 31 -0.53 17.85 -4.84
CA PRO C 31 -1.85 17.23 -5.03
C PRO C 31 -1.84 15.72 -4.86
N LEU C 32 -3.02 15.17 -4.62
CA LEU C 32 -3.19 13.74 -4.44
C LEU C 32 -3.44 13.01 -5.77
N GLY C 33 -3.12 11.72 -5.79
CA GLY C 33 -3.36 10.89 -6.96
C GLY C 33 -4.62 10.05 -6.74
N SER C 34 -5.02 9.30 -7.75
CA SER C 34 -6.24 8.48 -7.70
C SER C 34 -6.10 7.08 -7.10
N ASP C 35 -4.89 6.55 -7.04
CA ASP C 35 -4.69 5.21 -6.51
C ASP C 35 -5.22 5.07 -5.07
N THR C 36 -6.10 4.09 -4.84
CA THR C 36 -6.65 3.82 -3.52
C THR C 36 -5.46 3.66 -2.55
N LYS C 37 -4.32 3.25 -3.09
CA LYS C 37 -3.14 3.11 -2.27
C LYS C 37 -2.82 4.47 -1.62
N VAL C 38 -3.08 5.55 -2.36
CA VAL C 38 -2.86 6.91 -1.87
C VAL C 38 -3.90 7.26 -0.81
N LEU C 39 -5.18 7.06 -1.15
CA LEU C 39 -6.28 7.37 -0.25
C LEU C 39 -6.28 6.61 1.06
N SER C 40 -5.96 5.32 1.05
CA SER C 40 -5.87 4.54 2.29
C SER C 40 -4.92 5.25 3.24
N THR C 41 -3.77 5.65 2.71
CA THR C 41 -2.75 6.35 3.47
C THR C 41 -3.32 7.66 4.03
N ILE C 42 -3.96 8.42 3.15
CA ILE C 42 -4.53 9.71 3.52
C ILE C 42 -5.58 9.54 4.64
N PHE C 43 -6.46 8.54 4.52
CA PHE C 43 -7.48 8.32 5.55
C PHE C 43 -6.93 7.80 6.85
N GLU C 44 -5.81 7.09 6.80
CA GLU C 44 -5.21 6.59 8.03
C GLU C 44 -4.58 7.75 8.81
N LEU C 45 -3.87 8.64 8.08
CA LEU C 45 -3.20 9.79 8.68
C LEU C 45 -4.19 10.81 9.25
N PHE C 46 -5.29 10.96 8.53
CA PHE C 46 -6.39 11.85 8.87
C PHE C 46 -7.10 11.39 10.16
N SER C 47 -7.18 10.06 10.37
CA SER C 47 -7.83 9.46 11.53
C SER C 47 -7.03 9.48 12.83
N ARG C 48 -5.71 9.38 12.72
CA ARG C 48 -4.79 9.29 13.86
C ARG C 48 -5.04 10.22 15.04
N PRO C 49 -5.00 11.56 14.80
CA PRO C 49 -5.22 12.53 15.87
C PRO C 49 -6.61 12.46 16.52
N ILE C 50 -7.64 12.14 15.74
CA ILE C 50 -9.02 12.01 16.21
C ILE C 50 -9.14 10.84 17.19
N ILE C 51 -8.63 9.69 16.78
CA ILE C 51 -8.65 8.49 17.62
C ILE C 51 -7.95 8.80 18.96
N ASN C 52 -6.79 9.46 18.85
CA ASN C 52 -5.99 9.83 20.00
C ASN C 52 -6.69 10.79 20.97
N LYS C 53 -7.39 11.79 20.45
CA LYS C 53 -8.10 12.76 21.30
C LYS C 53 -9.20 12.06 22.08
N ILE C 54 -10.09 11.38 21.37
CA ILE C 54 -11.21 10.67 21.97
C ILE C 54 -10.73 9.64 23.00
N ALA C 55 -9.65 8.93 22.67
CA ALA C 55 -9.10 7.92 23.54
C ALA C 55 -8.64 8.56 24.84
N GLU C 56 -7.81 9.60 24.71
CA GLU C 56 -7.25 10.30 25.86
C GLU C 56 -8.36 10.80 26.79
N LYS C 57 -9.44 11.31 26.19
CA LYS C 57 -10.59 11.76 26.95
C LYS C 57 -11.08 10.63 27.86
N HIS C 58 -11.21 9.43 27.31
CA HIS C 58 -11.67 8.29 28.08
C HIS C 58 -10.65 7.49 28.88
N GLY C 59 -9.48 8.06 29.08
CA GLY C 59 -8.44 7.38 29.85
C GLY C 59 -7.71 6.21 29.18
N TYR C 60 -7.80 6.14 27.87
CA TYR C 60 -7.15 5.07 27.14
C TYR C 60 -5.81 5.50 26.59
N ILE C 61 -4.85 4.59 26.64
CA ILE C 61 -3.52 4.80 26.08
C ILE C 61 -3.62 4.29 24.63
N VAL C 62 -2.91 4.92 23.71
CA VAL C 62 -2.93 4.46 22.32
C VAL C 62 -1.51 4.09 21.83
N GLU C 63 -1.38 2.93 21.19
CA GLU C 63 -0.08 2.47 20.66
C GLU C 63 -0.25 2.01 19.25
N GLU C 64 0.65 2.46 18.38
CA GLU C 64 0.69 2.08 16.97
C GLU C 64 1.75 0.99 16.83
N PRO C 65 1.67 0.18 15.76
CA PRO C 65 2.69 -0.88 15.62
C PRO C 65 4.15 -0.39 15.59
N GLN C 67 7.82 -4.01 14.02
CA GLN C 67 6.70 -3.06 14.05
C GLN C 67 5.93 -3.05 12.71
N GLN C 68 6.64 -3.20 11.60
CA GLN C 68 6.02 -3.23 10.27
C GLN C 68 5.30 -4.56 10.08
N ASN C 69 4.20 -4.59 9.33
CA ASN C 69 3.47 -5.85 9.09
C ASN C 69 2.74 -6.38 10.34
N HIS C 70 2.41 -5.51 11.28
CA HIS C 70 1.71 -5.95 12.46
C HIS C 70 0.38 -5.28 12.61
N TYR C 71 -0.65 -6.08 12.89
CA TYR C 71 -2.00 -5.60 13.15
C TYR C 71 -2.01 -5.31 14.67
N PRO C 72 -2.81 -4.33 15.12
CA PRO C 72 -3.72 -3.44 14.41
C PRO C 72 -3.07 -2.04 14.29
N ASP C 73 -3.72 -1.17 13.52
CA ASP C 73 -3.25 0.20 13.33
C ASP C 73 -3.15 0.91 14.66
N PHE C 74 -4.16 0.73 15.50
CA PHE C 74 -4.17 1.39 16.81
C PHE C 74 -4.60 0.42 17.90
N THR C 75 -3.81 0.33 18.98
CA THR C 75 -4.19 -0.53 20.11
C THR C 75 -4.54 0.41 21.28
N LEU C 76 -5.74 0.26 21.82
CA LEU C 76 -6.20 1.07 22.95
C LEU C 76 -6.44 0.23 24.20
N TYR C 77 -6.09 0.77 25.35
CA TYR C 77 -6.28 0.09 26.62
C TYR C 77 -6.04 1.03 27.77
N LYS C 78 -6.66 0.76 28.92
CA LYS C 78 -6.44 1.57 30.12
C LYS C 78 -5.26 0.91 30.84
N PRO C 79 -4.35 1.71 31.42
CA PRO C 79 -3.18 1.15 32.14
C PRO C 79 -3.56 0.10 33.19
N SER C 80 -4.69 0.34 33.85
CA SER C 80 -5.19 -0.54 34.89
C SER C 80 -5.76 -1.88 34.39
N GLU C 81 -6.22 -1.94 33.15
CA GLU C 81 -6.82 -3.15 32.58
C GLU C 81 -6.15 -3.45 31.23
N PRO C 82 -4.89 -3.90 31.24
CA PRO C 82 -4.08 -4.24 30.07
C PRO C 82 -4.65 -5.39 29.27
N ASN C 83 -5.20 -6.36 29.98
CA ASN C 83 -5.79 -7.55 29.41
C ASN C 83 -7.09 -7.30 28.67
N LYS C 84 -7.51 -6.05 28.58
CA LYS C 84 -8.75 -5.71 27.90
C LYS C 84 -8.51 -4.66 26.80
N LYS C 85 -7.70 -5.02 25.82
CA LYS C 85 -7.37 -4.11 24.73
C LYS C 85 -8.40 -4.03 23.62
N ILE C 86 -8.38 -2.89 22.94
CA ILE C 86 -9.26 -2.63 21.81
C ILE C 86 -8.33 -2.40 20.58
N ALA C 87 -8.57 -3.16 19.50
CA ALA C 87 -7.80 -3.06 18.27
C ALA C 87 -8.66 -2.36 17.25
N ILE C 88 -8.13 -1.31 16.63
CA ILE C 88 -8.85 -0.57 15.60
C ILE C 88 -7.99 -0.65 14.36
N ASP C 89 -8.62 -0.92 13.22
CA ASP C 89 -7.96 -1.00 11.92
C ASP C 89 -8.78 -0.17 10.93
N ILE C 90 -8.09 0.63 10.13
CA ILE C 90 -8.71 1.50 9.12
C ILE C 90 -8.70 0.76 7.77
N LYS C 91 -9.85 0.64 7.14
CA LYS C 91 -9.95 -0.03 5.85
C LYS C 91 -10.56 0.91 4.85
N THR C 92 -10.08 0.88 3.61
CA THR C 92 -10.62 1.77 2.59
C THR C 92 -11.02 1.01 1.31
N THR C 93 -12.02 1.54 0.63
CA THR C 93 -12.48 1.01 -0.65
C THR C 93 -13.16 2.17 -1.37
N TYR C 94 -13.52 1.95 -2.62
CA TYR C 94 -14.10 3.01 -3.43
C TYR C 94 -15.36 2.58 -4.15
N THR C 95 -16.07 3.56 -4.71
CA THR C 95 -17.26 3.32 -5.50
C THR C 95 -17.10 4.17 -6.76
N GLU C 100 -24.60 1.46 -4.91
CA GLU C 100 -23.62 0.45 -5.30
C GLU C 100 -23.08 -0.31 -4.08
N LYS C 101 -22.97 -1.62 -4.23
CA LYS C 101 -22.46 -2.47 -3.17
C LYS C 101 -20.94 -2.25 -3.10
N ILE C 102 -20.40 -2.39 -1.89
CA ILE C 102 -18.98 -2.27 -1.66
C ILE C 102 -18.58 -3.51 -0.87
N LYS C 103 -17.28 -3.71 -0.76
CA LYS C 103 -16.69 -4.84 -0.04
C LYS C 103 -15.31 -4.39 0.41
N PHE C 104 -14.85 -4.97 1.51
CA PHE C 104 -13.57 -4.65 2.09
C PHE C 104 -12.82 -5.94 2.29
N THR C 105 -11.50 -5.82 2.39
CA THR C 105 -10.66 -6.96 2.71
C THR C 105 -10.44 -6.71 4.20
N LEU C 106 -10.78 -7.68 5.03
CA LEU C 106 -10.67 -7.49 6.47
C LEU C 106 -9.45 -8.04 7.17
N GLY C 107 -8.34 -8.22 6.47
CA GLY C 107 -7.16 -8.74 7.14
C GLY C 107 -6.94 -10.23 6.91
N GLY C 108 -5.73 -10.69 7.17
CA GLY C 108 -5.42 -12.08 6.93
C GLY C 108 -6.12 -13.07 7.85
N TYR C 109 -6.35 -14.27 7.33
CA TYR C 109 -6.95 -15.32 8.14
C TYR C 109 -5.95 -16.39 8.52
N THR C 110 -4.67 -16.20 8.21
CA THR C 110 -3.68 -17.23 8.54
C THR C 110 -2.70 -16.79 9.58
N SER C 111 -2.85 -15.56 10.07
CA SER C 111 -1.92 -15.01 11.08
C SER C 111 -2.45 -15.11 12.53
N PHE C 112 -2.65 -13.96 13.19
CA PHE C 112 -3.13 -13.88 14.58
C PHE C 112 -4.43 -14.60 14.91
N ILE C 113 -5.34 -14.78 13.96
CA ILE C 113 -6.53 -15.51 14.33
C ILE C 113 -6.23 -17.01 14.48
N ARG C 114 -5.09 -17.45 13.94
CA ARG C 114 -4.67 -18.86 14.02
C ARG C 114 -3.50 -19.10 14.95
N ASN C 115 -2.68 -18.07 15.16
CA ASN C 115 -1.51 -18.18 16.03
C ASN C 115 -1.51 -16.91 16.86
N ASN C 116 -1.85 -17.05 18.14
CA ASN C 116 -1.95 -15.96 19.12
C ASN C 116 -1.00 -14.77 19.03
N THR C 117 0.26 -15.03 18.70
CA THR C 117 1.25 -13.95 18.63
C THR C 117 1.83 -13.72 17.23
N LYS C 118 1.14 -14.15 16.19
CA LYS C 118 1.68 -13.96 14.85
C LYS C 118 1.20 -12.67 14.17
N ASN C 119 2.15 -11.77 13.92
CA ASN C 119 1.89 -10.49 13.22
C ASN C 119 0.90 -9.57 13.91
N ILE C 120 0.97 -9.54 15.22
CA ILE C 120 0.06 -8.73 15.98
C ILE C 120 0.88 -8.05 17.05
N VAL C 121 0.48 -6.84 17.42
CA VAL C 121 1.22 -6.05 18.42
C VAL C 121 1.19 -6.72 19.79
N TYR C 122 0.02 -7.18 20.21
CA TYR C 122 -0.07 -7.86 21.49
C TYR C 122 -0.72 -9.19 21.23
N PRO C 123 -0.53 -10.18 22.14
CA PRO C 123 -1.16 -11.49 21.92
C PRO C 123 -2.66 -11.27 21.73
N PHE C 124 -3.20 -11.95 20.71
CA PHE C 124 -4.60 -11.85 20.32
C PHE C 124 -5.63 -12.00 21.42
N ASP C 125 -5.28 -12.83 22.41
CA ASP C 125 -6.15 -13.10 23.54
C ASP C 125 -6.28 -11.94 24.54
N GLN C 126 -5.48 -10.90 24.35
CA GLN C 126 -5.51 -9.72 25.21
C GLN C 126 -6.46 -8.68 24.63
N TYR C 127 -7.05 -8.96 23.47
CA TYR C 127 -7.97 -8.00 22.87
C TYR C 127 -9.37 -8.47 23.07
N ILE C 128 -10.22 -7.55 23.49
CA ILE C 128 -11.61 -7.89 23.76
C ILE C 128 -12.49 -7.37 22.68
N ALA C 129 -11.92 -6.53 21.81
CA ALA C 129 -12.67 -5.95 20.70
C ALA C 129 -11.76 -5.61 19.50
N HIS C 130 -12.32 -5.76 18.31
CA HIS C 130 -11.62 -5.49 17.07
C HIS C 130 -12.59 -4.70 16.25
N TRP C 131 -12.32 -3.41 16.15
CA TRP C 131 -13.15 -2.52 15.38
C TRP C 131 -12.56 -2.17 14.01
N ILE C 132 -13.44 -1.92 13.07
CA ILE C 132 -13.05 -1.53 11.76
C ILE C 132 -13.63 -0.14 11.49
N ILE C 133 -12.76 0.81 11.16
CA ILE C 133 -13.21 2.13 10.73
C ILE C 133 -13.08 2.04 9.18
N GLY C 134 -14.21 2.02 8.49
CA GLY C 134 -14.18 1.87 7.05
C GLY C 134 -14.46 3.16 6.32
N TYR C 135 -13.64 3.48 5.32
CA TYR C 135 -13.84 4.68 4.52
C TYR C 135 -14.24 4.28 3.12
N VAL C 136 -15.28 4.91 2.60
CA VAL C 136 -15.78 4.64 1.27
C VAL C 136 -15.73 5.97 0.55
N TYR C 137 -15.09 6.00 -0.62
CA TYR C 137 -14.99 7.25 -1.39
C TYR C 137 -15.37 7.02 -2.87
N THR C 138 -15.94 8.03 -3.50
CA THR C 138 -16.27 7.89 -4.91
C THR C 138 -15.06 8.43 -5.67
N ARG C 139 -14.55 7.64 -6.62
CA ARG C 139 -13.40 8.05 -7.42
C ARG C 139 -13.75 9.13 -8.42
N VAL C 140 -12.88 10.12 -8.50
CA VAL C 140 -13.04 11.24 -9.41
C VAL C 140 -11.86 11.25 -10.39
N LYS C 148 0.85 19.91 -11.13
CA LYS C 148 1.20 21.26 -10.62
C LYS C 148 1.29 21.34 -9.09
N THR C 149 2.29 22.06 -8.60
CA THR C 149 2.43 22.25 -7.17
C THR C 149 1.64 23.51 -6.83
N TYR C 150 1.22 23.62 -5.57
CA TYR C 150 0.42 24.76 -5.12
C TYR C 150 1.02 25.50 -3.93
N ASN C 151 0.50 26.69 -3.68
CA ASN C 151 0.95 27.49 -2.56
C ASN C 151 -0.22 27.48 -1.57
N ILE C 152 0.02 27.90 -0.34
CA ILE C 152 -1.00 27.96 0.71
C ILE C 152 -2.21 28.80 0.32
N ASN C 153 -1.96 29.90 -0.39
CA ASN C 153 -3.05 30.76 -0.78
C ASN C 153 -3.93 30.14 -1.83
N GLU C 154 -3.67 28.88 -2.17
CA GLU C 154 -4.44 28.18 -3.21
C GLU C 154 -5.20 26.93 -2.79
N LEU C 155 -5.13 26.56 -1.50
CA LEU C 155 -5.81 25.36 -0.98
C LEU C 155 -7.21 25.07 -1.46
N ASN C 156 -7.97 26.12 -1.75
CA ASN C 156 -9.34 25.94 -2.21
C ASN C 156 -9.40 25.55 -3.67
N GLU C 157 -8.37 25.90 -4.43
CA GLU C 157 -8.29 25.59 -5.85
C GLU C 157 -7.79 24.18 -6.24
N ILE C 158 -7.00 23.56 -5.38
CA ILE C 158 -6.45 22.25 -5.66
C ILE C 158 -7.52 21.20 -5.88
N PRO C 159 -7.49 20.52 -7.03
CA PRO C 159 -8.50 19.49 -7.31
C PRO C 159 -8.20 18.20 -6.52
N LYS C 160 -9.26 17.56 -6.01
CA LYS C 160 -9.13 16.32 -5.24
C LYS C 160 -9.46 15.12 -6.10
N PRO C 161 -8.90 13.95 -5.77
CA PRO C 161 -9.23 12.81 -6.63
C PRO C 161 -10.42 11.97 -6.15
N TYR C 162 -11.26 12.55 -5.28
CA TYR C 162 -12.41 11.81 -4.76
C TYR C 162 -13.58 12.72 -4.42
N LYS C 163 -14.71 12.10 -4.12
CA LYS C 163 -15.94 12.78 -3.76
C LYS C 163 -16.69 11.89 -2.77
N GLY C 164 -17.70 12.45 -2.11
CA GLY C 164 -18.53 11.70 -1.18
C GLY C 164 -17.94 10.64 -0.26
N VAL C 165 -17.04 11.04 0.62
CA VAL C 165 -16.44 10.11 1.56
C VAL C 165 -17.46 9.78 2.67
N LYS C 166 -17.65 8.50 2.94
CA LYS C 166 -18.54 8.01 3.99
C LYS C 166 -17.63 7.23 4.93
N VAL C 167 -17.93 7.27 6.22
CA VAL C 167 -17.13 6.55 7.19
C VAL C 167 -18.07 5.80 8.16
N PHE C 168 -17.62 4.68 8.70
CA PHE C 168 -18.43 3.93 9.65
C PHE C 168 -17.51 3.25 10.62
N LEU C 169 -18.04 2.88 11.78
CA LEU C 169 -17.27 2.15 12.77
C LEU C 169 -18.11 0.92 13.09
N GLN C 170 -17.52 -0.28 12.96
CA GLN C 170 -18.21 -1.50 13.20
C GLN C 170 -17.24 -2.61 13.66
N ASP C 171 -17.78 -3.61 14.35
CA ASP C 171 -17.01 -4.75 14.84
C ASP C 171 -16.65 -5.59 13.61
N LYS C 172 -15.41 -6.07 13.57
CA LYS C 172 -14.92 -6.90 12.48
C LYS C 172 -15.81 -8.12 12.25
N TRP C 173 -16.05 -8.90 13.30
CA TRP C 173 -16.89 -10.10 13.17
C TRP C 173 -18.28 -9.83 12.61
N VAL C 174 -18.82 -8.64 12.92
CA VAL C 174 -20.16 -8.25 12.46
C VAL C 174 -20.28 -8.02 10.94
N ILE C 175 -19.24 -7.50 10.32
CA ILE C 175 -19.29 -7.21 8.87
C ILE C 175 -18.51 -8.21 8.03
N ALA C 176 -17.90 -9.17 8.71
CA ALA C 176 -17.14 -10.24 8.06
C ALA C 176 -18.09 -11.08 7.22
N GLY C 177 -17.58 -11.57 6.09
CA GLY C 177 -18.37 -12.39 5.19
C GLY C 177 -17.86 -13.82 5.23
N ASP C 178 -18.38 -14.63 4.32
CA ASP C 178 -18.00 -16.03 4.21
C ASP C 178 -17.11 -16.37 2.99
N LEU C 179 -16.74 -15.36 2.21
CA LEU C 179 -15.87 -15.56 1.05
C LEU C 179 -14.56 -14.79 1.25
N ALA C 180 -13.42 -15.37 0.84
CA ALA C 180 -12.13 -14.69 1.01
C ALA C 180 -12.09 -13.35 0.25
N GLY C 181 -11.37 -12.37 0.78
CA GLY C 181 -11.26 -11.07 0.15
C GLY C 181 -10.08 -11.00 -0.79
N SER C 182 -9.15 -11.94 -0.64
CA SER C 182 -7.99 -12.03 -1.54
C SER C 182 -7.50 -13.50 -1.59
N GLY C 183 -6.97 -13.90 -2.75
CA GLY C 183 -6.48 -15.26 -2.90
C GLY C 183 -5.11 -15.44 -2.32
N ASN C 184 -4.11 -14.99 -3.05
CA ASN C 184 -2.75 -15.20 -2.59
C ASN C 184 -2.38 -14.62 -1.26
N THR C 185 -3.01 -13.51 -0.89
CA THR C 185 -2.73 -12.85 0.38
C THR C 185 -3.68 -13.24 1.50
N THR C 186 -4.49 -14.27 1.25
CA THR C 186 -5.40 -14.87 2.22
C THR C 186 -6.10 -13.91 3.23
N ASN C 187 -6.94 -13.04 2.71
CA ASN C 187 -7.67 -12.10 3.54
C ASN C 187 -9.11 -12.51 3.71
N ILE C 188 -9.67 -12.12 4.86
CA ILE C 188 -11.07 -12.36 5.16
C ILE C 188 -11.80 -11.32 4.28
N GLY C 189 -12.88 -11.73 3.65
CA GLY C 189 -13.65 -10.81 2.83
C GLY C 189 -14.85 -10.34 3.66
N SER C 190 -15.27 -9.09 3.48
CA SER C 190 -16.42 -8.54 4.21
C SER C 190 -17.67 -8.91 3.44
N ILE C 191 -18.86 -8.60 3.98
CA ILE C 191 -20.08 -8.84 3.22
C ILE C 191 -19.99 -7.90 2.04
N HIS C 192 -20.76 -8.19 1.01
CA HIS C 192 -20.77 -7.40 -0.21
C HIS C 192 -22.14 -6.78 -0.11
N ALA C 193 -22.19 -5.49 0.24
CA ALA C 193 -23.47 -4.81 0.46
C ALA C 193 -23.39 -3.30 0.35
N HIS C 194 -24.43 -2.63 0.84
CA HIS C 194 -24.43 -1.18 0.83
C HIS C 194 -23.88 -0.63 2.13
N TYR C 195 -23.37 0.58 2.05
CA TYR C 195 -22.81 1.26 3.22
C TYR C 195 -23.74 1.17 4.46
N LYS C 196 -25.04 1.32 4.25
CA LYS C 196 -26.04 1.28 5.34
C LYS C 196 -26.00 -0.03 6.10
N ASP C 197 -25.74 -1.10 5.36
CA ASP C 197 -25.66 -2.42 5.95
C ASP C 197 -24.46 -2.52 6.88
N PHE C 198 -23.41 -1.79 6.55
CA PHE C 198 -22.22 -1.81 7.39
C PHE C 198 -22.49 -1.03 8.68
N VAL C 199 -23.14 0.12 8.54
CA VAL C 199 -23.49 0.94 9.71
C VAL C 199 -24.44 0.15 10.61
N GLU C 200 -25.48 -0.44 10.03
CA GLU C 200 -26.45 -1.21 10.79
C GLU C 200 -25.98 -2.57 11.30
N GLY C 201 -24.88 -3.09 10.76
CA GLY C 201 -24.37 -4.38 11.18
C GLY C 201 -25.16 -5.60 10.69
N LYS C 202 -25.67 -5.50 9.48
CA LYS C 202 -26.46 -6.58 8.88
C LYS C 202 -25.53 -7.61 8.25
N GLY C 203 -24.82 -8.39 9.07
CA GLY C 203 -23.89 -9.37 8.55
C GLY C 203 -24.46 -10.78 8.41
N ILE C 204 -23.59 -11.76 8.48
CA ILE C 204 -24.04 -13.14 8.35
C ILE C 204 -23.71 -13.99 9.56
N PHE C 205 -22.64 -13.69 10.28
CA PHE C 205 -22.29 -14.49 11.45
C PHE C 205 -23.23 -14.20 12.64
N ASP C 206 -23.56 -15.22 13.44
CA ASP C 206 -24.44 -15.07 14.61
C ASP C 206 -23.68 -14.66 15.86
N SER C 207 -22.41 -15.02 15.90
CA SER C 207 -21.59 -14.67 17.03
C SER C 207 -20.18 -14.51 16.54
N GLU C 208 -19.36 -13.93 17.42
CA GLU C 208 -17.98 -13.72 17.11
C GLU C 208 -17.27 -15.10 17.11
N ASP C 209 -17.79 -16.04 17.89
CA ASP C 209 -17.23 -17.39 17.94
C ASP C 209 -17.43 -18.13 16.61
N GLU C 210 -18.60 -17.94 16.01
CA GLU C 210 -18.93 -18.59 14.76
C GLU C 210 -17.97 -18.01 13.70
N PHE C 211 -17.75 -16.69 13.76
CA PHE C 211 -16.86 -15.98 12.84
C PHE C 211 -15.43 -16.55 12.92
N LEU C 212 -14.91 -16.61 14.13
CA LEU C 212 -13.59 -17.12 14.37
C LEU C 212 -13.49 -18.60 13.97
N ASP C 213 -14.49 -19.41 14.30
CA ASP C 213 -14.40 -20.81 13.94
C ASP C 213 -14.40 -21.01 12.42
N TYR C 214 -15.26 -20.29 11.73
CA TYR C 214 -15.36 -20.41 10.29
C TYR C 214 -14.00 -20.03 9.62
N TRP C 215 -13.41 -18.91 10.04
CA TRP C 215 -12.17 -18.49 9.42
C TRP C 215 -10.93 -19.24 9.86
N ARG C 216 -11.03 -19.94 10.99
CA ARG C 216 -9.92 -20.74 11.48
C ARG C 216 -9.86 -22.08 10.73
N ASN C 217 -10.98 -22.51 10.16
CA ASN C 217 -11.04 -23.78 9.45
C ASN C 217 -11.29 -23.65 7.96
N TYR C 218 -11.18 -22.42 7.46
CA TYR C 218 -11.38 -22.14 6.02
C TYR C 218 -10.11 -22.61 5.29
N GLU C 219 -10.28 -23.40 4.22
CA GLU C 219 -9.12 -23.86 3.46
C GLU C 219 -8.69 -22.80 2.43
N ARG C 220 -7.38 -22.64 2.24
CA ARG C 220 -6.82 -21.66 1.32
C ARG C 220 -7.28 -21.73 -0.13
N THR C 221 -7.61 -22.92 -0.64
CA THR C 221 -8.05 -23.02 -2.03
C THR C 221 -9.37 -23.75 -2.20
N SER C 222 -10.09 -23.44 -3.28
CA SER C 222 -11.36 -24.06 -3.52
C SER C 222 -11.27 -25.61 -3.59
N GLN C 223 -10.18 -26.13 -4.13
CA GLN C 223 -9.98 -27.57 -4.22
C GLN C 223 -10.04 -28.18 -2.83
N LEU C 224 -9.39 -27.55 -1.87
CA LEU C 224 -9.40 -28.03 -0.49
C LEU C 224 -10.79 -27.78 0.10
N ARG C 225 -11.40 -26.67 -0.29
CA ARG C 225 -12.70 -26.33 0.25
C ARG C 225 -13.85 -27.20 -0.25
N ASN C 226 -13.69 -27.78 -1.43
CA ASN C 226 -14.73 -28.62 -1.99
C ASN C 226 -15.10 -29.74 -1.01
N ASP C 227 -14.08 -30.26 -0.33
CA ASP C 227 -14.27 -31.33 0.60
C ASP C 227 -14.83 -30.87 1.94
N LYS C 228 -14.58 -29.60 2.30
CA LYS C 228 -15.04 -29.03 3.57
C LYS C 228 -16.26 -28.08 3.43
N TYR C 229 -16.02 -26.77 3.32
CA TYR C 229 -17.12 -25.80 3.14
C TYR C 229 -16.62 -24.56 2.39
N ASN C 230 -17.50 -23.97 1.61
CA ASN C 230 -17.15 -22.78 0.83
C ASN C 230 -17.95 -21.53 1.16
N ASN C 231 -19.00 -21.70 1.95
CA ASN C 231 -19.85 -20.59 2.38
C ASN C 231 -20.47 -20.95 3.73
N ILE C 232 -21.19 -20.00 4.34
CA ILE C 232 -21.80 -20.20 5.66
C ILE C 232 -22.86 -21.33 5.71
N SER C 233 -23.66 -21.49 4.66
CA SER C 233 -24.65 -22.55 4.61
C SER C 233 -23.95 -23.90 4.77
N GLU C 234 -22.95 -24.13 3.93
CA GLU C 234 -22.18 -25.37 3.96
C GLU C 234 -21.47 -25.55 5.28
N TYR C 235 -20.97 -24.45 5.85
CA TYR C 235 -20.28 -24.52 7.13
C TYR C 235 -21.18 -25.04 8.27
N ARG C 236 -22.38 -24.48 8.36
CA ARG C 236 -23.36 -24.87 9.37
C ARG C 236 -23.78 -26.35 9.19
N ASN C 237 -23.93 -26.80 7.95
CA ASN C 237 -24.27 -28.19 7.73
C ASN C 237 -23.10 -29.08 8.19
N TRP C 238 -21.88 -28.69 7.81
CA TRP C 238 -20.66 -29.41 8.19
C TRP C 238 -20.56 -29.50 9.74
N ILE C 239 -20.99 -28.44 10.42
CA ILE C 239 -21.00 -28.36 11.89
C ILE C 239 -22.12 -29.30 12.40
N TYR C 240 -23.29 -29.26 11.76
CA TYR C 240 -24.40 -30.08 12.19
C TYR C 240 -24.03 -31.55 12.23
N ARG C 241 -23.32 -31.99 11.18
CA ARG C 241 -22.92 -33.37 11.03
C ARG C 241 -21.68 -33.84 11.79
N GLY C 242 -21.01 -32.94 12.49
CA GLY C 242 -19.86 -33.42 13.25
C GLY C 242 -18.51 -32.97 12.74
N ARG C 243 -18.54 -31.95 11.90
CA ARG C 243 -17.32 -31.39 11.33
C ARG C 243 -16.65 -32.44 10.48
N SER D 1 19.37 15.81 -21.84
CA SER D 1 18.28 15.04 -22.45
C SER D 1 17.17 14.97 -21.43
N LEU D 2 16.07 14.31 -21.79
CA LEU D 2 14.97 14.09 -20.86
C LEU D 2 15.54 13.42 -19.61
N ARG D 3 16.38 12.39 -19.79
CA ARG D 3 16.96 11.68 -18.64
C ARG D 3 17.87 12.51 -17.74
N SER D 4 18.78 13.27 -18.34
CA SER D 4 19.72 14.08 -17.54
C SER D 4 18.94 15.21 -16.81
N ASP D 5 17.99 15.79 -17.50
CA ASP D 5 17.17 16.84 -16.94
C ASP D 5 16.34 16.31 -15.75
N LEU D 6 15.72 15.15 -15.96
CA LEU D 6 14.93 14.52 -14.92
C LEU D 6 15.80 14.24 -13.72
N ILE D 7 16.96 13.68 -13.95
CA ILE D 7 17.88 13.37 -12.87
C ILE D 7 18.29 14.62 -12.10
N ASN D 8 18.47 15.72 -12.82
CA ASN D 8 18.88 16.97 -12.16
C ASN D 8 17.75 17.55 -11.35
N ALA D 9 16.55 17.56 -11.92
CA ALA D 9 15.39 18.05 -11.21
C ALA D 9 15.24 17.24 -9.91
N LEU D 10 15.22 15.91 -10.01
CA LEU D 10 15.06 15.05 -8.82
C LEU D 10 16.07 15.34 -7.72
N TYR D 11 17.33 15.51 -8.09
CA TYR D 11 18.29 15.82 -7.06
C TYR D 11 17.95 17.19 -6.43
N ASP D 12 17.53 18.15 -7.26
CA ASP D 12 17.22 19.49 -6.81
C ASP D 12 16.07 19.53 -5.82
N GLU D 13 14.93 19.01 -6.22
CA GLU D 13 13.77 18.99 -5.35
C GLU D 13 14.01 18.31 -4.01
N ASP D 18 11.13 18.85 1.74
CA ASP D 18 10.88 18.03 2.92
C ASP D 18 9.41 18.00 3.41
N VAL D 19 8.66 17.02 2.91
CA VAL D 19 7.24 16.82 3.22
C VAL D 19 7.09 16.53 4.71
N CYS D 20 6.13 17.20 5.36
CA CYS D 20 5.94 16.97 6.78
C CYS D 20 4.51 16.67 7.23
N GLY D 21 3.59 16.52 6.29
CA GLY D 21 2.22 16.18 6.65
C GLY D 21 1.19 16.35 5.55
N ILE D 22 -0.05 15.93 5.80
CA ILE D 22 -1.10 16.14 4.83
C ILE D 22 -1.86 17.39 5.27
N ILE D 23 -2.36 18.13 4.29
CA ILE D 23 -3.03 19.39 4.54
C ILE D 23 -4.47 19.38 4.08
N SER D 24 -5.36 19.89 4.92
CA SER D 24 -6.76 19.96 4.57
C SER D 24 -7.09 21.29 3.87
N ALA D 25 -8.24 21.33 3.22
CA ALA D 25 -8.71 22.52 2.52
C ALA D 25 -8.83 23.67 3.52
N GLU D 26 -9.19 23.31 4.76
CA GLU D 26 -9.34 24.27 5.84
C GLU D 26 -8.03 24.61 6.55
N GLY D 27 -6.89 24.26 5.97
CA GLY D 27 -5.61 24.62 6.56
C GLY D 27 -5.10 23.85 7.76
N LYS D 28 -5.77 22.75 8.14
CA LYS D 28 -5.27 21.96 9.27
C LYS D 28 -4.30 20.91 8.70
N ILE D 29 -3.16 20.75 9.35
CA ILE D 29 -2.11 19.82 8.91
C ILE D 29 -2.04 18.61 9.83
N TYR D 30 -1.99 17.42 9.21
CA TYR D 30 -1.89 16.15 9.95
C TYR D 30 -0.50 15.56 9.66
N PRO D 31 0.27 15.23 10.71
CA PRO D 31 1.62 14.67 10.63
C PRO D 31 1.70 13.31 9.93
N LEU D 32 2.90 12.95 9.53
CA LEU D 32 3.11 11.71 8.82
C LEU D 32 3.32 10.57 9.78
N GLY D 33 2.84 9.39 9.40
CA GLY D 33 3.02 8.22 10.22
C GLY D 33 4.29 7.49 9.82
N SER D 34 4.71 6.57 10.69
CA SER D 34 5.89 5.76 10.48
C SER D 34 5.69 4.61 9.47
N ASP D 35 4.42 4.24 9.26
CA ASP D 35 4.06 3.16 8.36
C ASP D 35 4.74 3.13 6.98
N THR D 36 5.17 1.94 6.58
CA THR D 36 5.85 1.71 5.30
C THR D 36 5.03 2.24 4.11
N LYS D 37 3.73 1.98 4.11
CA LYS D 37 2.90 2.43 3.02
C LYS D 37 2.91 3.95 2.96
N VAL D 38 3.13 4.59 4.11
CA VAL D 38 3.15 6.06 4.19
C VAL D 38 4.18 6.74 3.28
N LEU D 39 5.45 6.50 3.54
CA LEU D 39 6.52 7.11 2.76
C LEU D 39 6.54 6.81 1.26
N SER D 40 6.21 5.58 0.86
CA SER D 40 6.20 5.28 -0.56
C SER D 40 5.12 6.13 -1.17
N THR D 41 3.98 6.26 -0.49
CA THR D 41 2.89 7.10 -0.99
C THR D 41 3.35 8.56 -1.09
N ILE D 42 4.08 9.02 -0.08
CA ILE D 42 4.56 10.38 -0.05
C ILE D 42 5.53 10.68 -1.20
N PHE D 43 6.53 9.80 -1.39
CA PHE D 43 7.53 9.96 -2.44
C PHE D 43 6.97 9.87 -3.86
N GLU D 44 5.89 9.11 -4.03
CA GLU D 44 5.26 9.04 -5.32
C GLU D 44 4.53 10.37 -5.65
N LEU D 45 3.84 10.95 -4.67
CA LEU D 45 3.13 12.21 -4.88
C LEU D 45 4.09 13.40 -5.09
N PHE D 46 5.21 13.37 -4.38
CA PHE D 46 6.25 14.39 -4.47
C PHE D 46 6.88 14.39 -5.88
N SER D 47 7.09 13.19 -6.44
CA SER D 47 7.69 13.02 -7.78
C SER D 47 6.81 13.44 -8.98
N ARG D 48 5.49 13.23 -8.90
CA ARG D 48 4.58 13.54 -10.01
C ARG D 48 4.79 14.88 -10.71
N PRO D 49 4.83 15.99 -9.92
CA PRO D 49 5.02 17.33 -10.45
C PRO D 49 6.35 17.48 -11.17
N ILE D 50 7.40 16.92 -10.58
CA ILE D 50 8.75 17.02 -11.17
C ILE D 50 8.74 16.36 -12.54
N ILE D 51 8.26 15.13 -12.58
CA ILE D 51 8.20 14.33 -13.79
C ILE D 51 7.41 15.05 -14.86
N ASN D 52 6.26 15.59 -14.49
CA ASN D 52 5.43 16.30 -15.45
C ASN D 52 6.04 17.61 -15.97
N LYS D 53 6.79 18.29 -15.12
CA LYS D 53 7.41 19.54 -15.54
C LYS D 53 8.45 19.25 -16.61
N ILE D 54 9.35 18.30 -16.33
CA ILE D 54 10.43 17.95 -17.24
C ILE D 54 9.94 17.30 -18.53
N ALA D 55 8.92 16.48 -18.43
CA ALA D 55 8.39 15.80 -19.59
C ALA D 55 7.85 16.81 -20.57
N GLU D 56 7.02 17.70 -20.07
CA GLU D 56 6.40 18.70 -20.88
C GLU D 56 7.48 19.58 -21.55
N LYS D 57 8.58 19.82 -20.87
CA LYS D 57 9.64 20.63 -21.44
C LYS D 57 10.31 19.95 -22.61
N HIS D 58 10.06 18.65 -22.78
CA HIS D 58 10.66 17.87 -23.88
C HIS D 58 9.66 17.38 -24.91
N GLY D 59 8.43 17.84 -24.82
CA GLY D 59 7.43 17.43 -25.78
C GLY D 59 6.83 16.08 -25.50
N TYR D 60 7.05 15.57 -24.29
CA TYR D 60 6.47 14.29 -23.94
C TYR D 60 5.15 14.45 -23.18
N ILE D 61 4.21 13.55 -23.41
CA ILE D 61 3.00 13.61 -22.63
C ILE D 61 3.19 12.52 -21.55
N VAL D 62 2.58 12.73 -20.39
CA VAL D 62 2.68 11.78 -19.30
C VAL D 62 1.29 11.22 -19.06
N GLU D 63 1.20 9.91 -18.84
CA GLU D 63 -0.06 9.24 -18.55
C GLU D 63 0.17 8.36 -17.36
N GLU D 64 -0.82 8.31 -16.51
CA GLU D 64 -0.76 7.49 -15.32
C GLU D 64 -1.79 6.40 -15.57
N PRO D 65 -1.65 5.25 -14.91
CA PRO D 65 -2.64 4.19 -15.14
C PRO D 65 -4.04 4.69 -14.70
N LYS D 66 -5.09 4.18 -15.32
CA LYS D 66 -6.46 4.53 -14.97
C LYS D 66 -6.95 3.40 -14.09
N GLN D 67 -6.62 2.17 -14.45
CA GLN D 67 -7.01 1.02 -13.66
C GLN D 67 -5.89 0.85 -12.68
N GLN D 68 -6.21 0.45 -11.47
CA GLN D 68 -5.18 0.28 -10.47
C GLN D 68 -4.43 -1.01 -10.82
N ASN D 69 -3.31 -1.21 -10.14
CA ASN D 69 -2.49 -2.39 -10.34
C ASN D 69 -2.02 -2.66 -11.76
N HIS D 70 -1.68 -1.59 -12.49
CA HIS D 70 -1.11 -1.68 -13.83
C HIS D 70 0.17 -0.87 -13.84
N TYR D 71 1.24 -1.49 -14.31
CA TYR D 71 2.53 -0.85 -14.45
C TYR D 71 2.45 0.00 -15.72
N PRO D 72 3.17 1.15 -15.76
CA PRO D 72 4.06 1.73 -14.76
C PRO D 72 3.35 2.99 -14.19
N ASP D 73 3.93 3.56 -13.15
CA ASP D 73 3.40 4.77 -12.54
C ASP D 73 3.27 5.90 -13.54
N PHE D 74 4.26 6.03 -14.42
CA PHE D 74 4.25 7.09 -15.42
C PHE D 74 4.68 6.54 -16.76
N THR D 75 3.88 6.80 -17.80
CA THR D 75 4.24 6.42 -19.18
C THR D 75 4.47 7.73 -19.94
N LEU D 76 5.69 7.93 -20.43
CA LEU D 76 6.03 9.14 -21.19
C LEU D 76 6.19 8.80 -22.67
N TYR D 77 5.74 9.70 -23.54
CA TYR D 77 5.90 9.51 -24.98
C TYR D 77 5.50 10.73 -25.80
N LYS D 78 6.06 10.80 -27.01
CA LYS D 78 5.75 11.87 -27.96
C LYS D 78 4.68 11.25 -28.83
N PRO D 79 3.60 11.99 -29.15
CA PRO D 79 2.55 11.40 -30.00
C PRO D 79 3.05 10.92 -31.38
N SER D 80 4.14 11.52 -31.84
CA SER D 80 4.74 11.16 -33.12
C SER D 80 5.40 9.75 -33.05
N GLU D 81 6.07 9.44 -31.95
CA GLU D 81 6.74 8.15 -31.75
C GLU D 81 6.08 7.29 -30.68
N PRO D 82 5.03 6.57 -31.06
CA PRO D 82 4.36 5.75 -30.04
C PRO D 82 5.03 4.45 -29.59
N ASN D 83 6.05 4.00 -30.34
CA ASN D 83 6.76 2.76 -30.00
C ASN D 83 8.06 3.06 -29.32
N LYS D 84 8.18 4.26 -28.82
CA LYS D 84 9.36 4.66 -28.08
C LYS D 84 8.92 5.25 -26.74
N LYS D 85 8.00 4.55 -26.10
CA LYS D 85 7.47 4.97 -24.80
C LYS D 85 8.46 4.64 -23.74
N ILE D 86 8.43 5.43 -22.67
CA ILE D 86 9.33 5.24 -21.54
C ILE D 86 8.47 4.98 -20.29
N ALA D 87 8.89 4.03 -19.46
CA ALA D 87 8.16 3.68 -18.24
C ALA D 87 8.98 4.12 -17.05
N ILE D 88 8.32 4.74 -16.08
CA ILE D 88 8.99 5.18 -14.87
C ILE D 88 8.18 4.64 -13.69
N ASP D 89 8.84 3.97 -12.76
CA ASP D 89 8.21 3.41 -11.57
C ASP D 89 8.97 3.93 -10.39
N ILE D 90 8.25 4.35 -9.35
CA ILE D 90 8.88 4.88 -8.13
C ILE D 90 8.98 3.74 -7.13
N LYS D 91 10.15 3.51 -6.57
CA LYS D 91 10.34 2.41 -5.61
C LYS D 91 10.91 3.02 -4.35
N THR D 92 10.56 2.44 -3.21
CA THR D 92 10.98 2.99 -1.93
C THR D 92 11.47 1.91 -0.99
N THR D 93 12.46 2.24 -0.19
CA THR D 93 12.95 1.35 0.82
C THR D 93 13.57 2.23 1.89
N TYR D 94 14.00 1.65 2.99
CA TYR D 94 14.61 2.41 4.06
C TYR D 94 15.99 1.88 4.46
N THR D 95 16.63 2.62 5.37
CA THR D 95 17.92 2.28 5.98
C THR D 95 17.75 2.73 7.44
N ASN D 96 18.74 2.38 8.27
CA ASN D 96 18.71 2.76 9.69
C ASN D 96 20.13 3.20 10.12
N LYS D 101 23.82 -1.14 3.03
CA LYS D 101 23.36 -2.00 1.94
C LYS D 101 21.84 -2.11 1.95
N ILE D 102 21.23 -1.59 0.90
CA ILE D 102 19.79 -1.60 0.78
C ILE D 102 19.38 -2.57 -0.33
N LYS D 103 18.08 -2.72 -0.53
CA LYS D 103 17.58 -3.57 -1.60
C LYS D 103 16.16 -3.19 -1.93
N PHE D 104 15.80 -3.27 -3.21
CA PHE D 104 14.47 -2.94 -3.69
C PHE D 104 13.73 -4.13 -4.26
N THR D 105 12.41 -4.00 -4.34
CA THR D 105 11.54 -4.98 -4.97
C THR D 105 11.31 -4.21 -6.28
N LEU D 106 11.57 -4.86 -7.39
CA LEU D 106 11.48 -4.20 -8.68
C LEU D 106 10.34 -4.59 -9.57
N GLY D 107 9.25 -5.06 -9.00
CA GLY D 107 8.12 -5.41 -9.85
C GLY D 107 7.99 -6.90 -10.02
N GLY D 108 6.84 -7.32 -10.53
CA GLY D 108 6.58 -8.72 -10.71
C GLY D 108 7.28 -9.39 -11.91
N TYR D 109 7.53 -10.69 -11.79
CA TYR D 109 8.15 -11.44 -12.87
C TYR D 109 7.16 -12.34 -13.58
N THR D 110 5.91 -12.35 -13.12
CA THR D 110 4.90 -13.18 -13.75
C THR D 110 3.89 -12.40 -14.55
N SER D 111 3.98 -11.06 -14.58
CA SER D 111 3.01 -10.30 -15.36
C SER D 111 3.47 -9.94 -16.80
N PHE D 112 3.63 -8.65 -17.08
CA PHE D 112 4.00 -8.14 -18.39
C PHE D 112 5.33 -8.65 -18.99
N ILE D 113 6.31 -9.00 -18.16
CA ILE D 113 7.58 -9.49 -18.74
C ILE D 113 7.38 -10.87 -19.39
N ARG D 114 6.31 -11.57 -19.00
CA ARG D 114 5.98 -12.87 -19.53
C ARG D 114 4.77 -12.81 -20.44
N ASN D 115 3.95 -11.78 -20.30
CA ASN D 115 2.76 -11.66 -21.13
C ASN D 115 2.61 -10.20 -21.54
N ASN D 116 2.93 -9.92 -22.81
CA ASN D 116 2.91 -8.57 -23.43
C ASN D 116 1.79 -7.56 -23.04
N THR D 117 0.63 -8.08 -22.67
CA THR D 117 -0.57 -7.28 -22.36
C THR D 117 -1.09 -7.35 -20.91
N LYS D 118 -0.37 -8.09 -20.10
CA LYS D 118 -0.75 -8.33 -18.73
C LYS D 118 -0.33 -7.27 -17.69
N ASN D 119 -1.32 -6.61 -17.08
CA ASN D 119 -1.10 -5.59 -16.02
C ASN D 119 -0.17 -4.45 -16.41
N ILE D 120 -0.32 -3.99 -17.63
CA ILE D 120 0.52 -2.92 -18.15
C ILE D 120 -0.38 -1.95 -18.92
N VAL D 121 -0.06 -0.67 -18.92
CA VAL D 121 -0.92 0.31 -19.59
C VAL D 121 -0.87 0.23 -21.11
N TYR D 122 0.30 -0.06 -21.64
CA TYR D 122 0.50 -0.24 -23.08
C TYR D 122 1.31 -1.54 -23.24
N PRO D 123 1.10 -2.26 -24.35
CA PRO D 123 1.85 -3.51 -24.55
C PRO D 123 3.36 -3.32 -24.30
N PHE D 124 3.94 -4.28 -23.59
CA PHE D 124 5.35 -4.26 -23.22
C PHE D 124 6.31 -3.85 -24.35
N ASP D 125 5.99 -4.27 -25.56
CA ASP D 125 6.83 -4.01 -26.74
C ASP D 125 6.94 -2.55 -27.18
N GLN D 126 5.99 -1.73 -26.73
CA GLN D 126 6.01 -0.31 -27.08
C GLN D 126 6.95 0.52 -26.21
N TYR D 127 7.48 -0.08 -25.15
CA TYR D 127 8.40 0.60 -24.23
C TYR D 127 9.83 0.32 -24.59
N ILE D 128 10.62 1.36 -24.78
CA ILE D 128 12.04 1.20 -25.12
C ILE D 128 12.92 1.41 -23.88
N ALA D 129 12.31 1.83 -22.78
CA ALA D 129 13.06 2.04 -21.54
C ALA D 129 12.19 1.91 -20.31
N HIS D 130 12.80 1.36 -19.27
CA HIS D 130 12.15 1.10 -17.99
C HIS D 130 13.04 1.67 -16.92
N TRP D 131 12.67 2.86 -16.43
CA TRP D 131 13.45 3.52 -15.40
C TRP D 131 12.84 3.36 -14.02
N ILE D 132 13.72 3.29 -13.05
CA ILE D 132 13.35 3.14 -11.65
C ILE D 132 13.83 4.39 -10.91
N ILE D 133 12.89 5.06 -10.23
CA ILE D 133 13.27 6.19 -9.40
C ILE D 133 13.19 5.60 -7.99
N GLY D 134 14.36 5.37 -7.40
CA GLY D 134 14.45 4.77 -6.09
C GLY D 134 14.67 5.80 -5.00
N TYR D 135 13.86 5.75 -3.94
CA TYR D 135 14.01 6.67 -2.83
C TYR D 135 14.44 5.83 -1.67
N VAL D 136 15.44 6.32 -0.93
CA VAL D 136 15.91 5.62 0.27
C VAL D 136 15.84 6.60 1.42
N TYR D 137 15.23 6.19 2.52
CA TYR D 137 15.15 7.08 3.67
C TYR D 137 15.64 6.37 4.91
N THR D 138 16.27 7.12 5.81
CA THR D 138 16.73 6.54 7.07
C THR D 138 15.61 6.76 8.08
N ARG D 139 15.05 5.68 8.60
CA ARG D 139 13.96 5.82 9.58
C ARG D 139 14.51 6.07 10.98
N SER D 146 3.61 12.03 15.58
CA SER D 146 2.85 12.96 16.42
C SER D 146 1.37 12.76 16.17
N LEU D 147 0.62 12.62 17.25
CA LEU D 147 -0.81 12.38 17.15
C LEU D 147 -1.65 13.65 17.28
N LYS D 148 -1.08 14.77 16.83
CA LYS D 148 -1.76 16.06 16.91
C LYS D 148 -1.72 16.75 15.56
N THR D 149 -2.63 17.70 15.37
CA THR D 149 -2.66 18.47 14.14
C THR D 149 -1.91 19.76 14.39
N TYR D 150 -1.63 20.48 13.33
CA TYR D 150 -0.90 21.71 13.41
C TYR D 150 -1.53 22.67 12.45
N ASN D 151 -1.10 23.92 12.54
CA ASN D 151 -1.59 24.98 11.69
C ASN D 151 -0.38 25.39 10.83
N ILE D 152 -0.64 26.05 9.71
CA ILE D 152 0.41 26.50 8.80
C ILE D 152 1.61 27.18 9.47
N ASN D 153 1.33 27.89 10.56
CA ASN D 153 2.35 28.64 11.30
C ASN D 153 3.32 27.78 12.10
N GLU D 154 2.95 26.53 12.32
CA GLU D 154 3.80 25.61 13.10
C GLU D 154 4.59 24.63 12.25
N LEU D 155 4.58 24.83 10.94
CA LEU D 155 5.28 23.96 9.96
C LEU D 155 6.64 23.52 10.44
N ASN D 156 7.43 24.49 10.85
CA ASN D 156 8.78 24.27 11.34
C ASN D 156 8.92 23.39 12.61
N GLU D 157 7.82 23.04 13.24
CA GLU D 157 7.90 22.24 14.45
C GLU D 157 7.35 20.82 14.33
N ILE D 158 6.78 20.50 13.17
CA ILE D 158 6.21 19.19 12.92
C ILE D 158 7.33 18.15 12.81
N PRO D 159 7.26 17.12 13.63
CA PRO D 159 8.29 16.07 13.60
C PRO D 159 8.16 15.18 12.34
N LYS D 160 9.27 14.87 11.68
CA LYS D 160 9.25 14.03 10.48
C LYS D 160 9.61 12.61 10.88
N PRO D 161 9.08 11.59 10.18
CA PRO D 161 9.43 10.21 10.57
C PRO D 161 10.64 9.64 9.82
N TYR D 162 11.44 10.51 9.20
CA TYR D 162 12.64 10.09 8.48
C TYR D 162 13.70 11.15 8.72
N LYS D 163 14.96 10.71 8.83
CA LYS D 163 16.10 11.59 9.11
C LYS D 163 16.84 12.10 7.90
N GLY D 164 16.66 11.43 6.76
CA GLY D 164 17.36 11.83 5.54
C GLY D 164 16.82 11.03 4.39
N VAL D 165 16.95 11.53 3.16
CA VAL D 165 16.42 10.87 1.97
C VAL D 165 17.44 11.02 0.85
N LYS D 166 17.62 9.93 0.09
CA LYS D 166 18.52 9.93 -1.07
C LYS D 166 17.64 9.44 -2.22
N VAL D 167 17.95 9.87 -3.44
CA VAL D 167 17.17 9.42 -4.58
C VAL D 167 18.11 9.10 -5.78
N PHE D 168 17.61 8.36 -6.76
CA PHE D 168 18.39 8.05 -7.95
C PHE D 168 17.47 7.61 -9.07
N LEU D 169 17.94 7.74 -10.30
CA LEU D 169 17.19 7.26 -11.45
C LEU D 169 18.16 6.24 -12.13
N GLN D 170 17.65 5.08 -12.52
CA GLN D 170 18.50 4.07 -13.13
C GLN D 170 17.62 3.10 -13.90
N ASP D 171 18.17 2.53 -14.97
CA ASP D 171 17.44 1.55 -15.78
C ASP D 171 17.19 0.33 -14.90
N LYS D 172 16.01 -0.25 -15.03
CA LYS D 172 15.60 -1.40 -14.23
C LYS D 172 16.57 -2.61 -14.36
N TRP D 173 16.92 -2.98 -15.60
CA TRP D 173 17.80 -4.12 -15.82
C TRP D 173 19.18 -4.00 -15.16
N VAL D 174 19.73 -2.79 -15.14
CA VAL D 174 21.07 -2.56 -14.59
C VAL D 174 21.14 -2.78 -13.09
N ILE D 175 20.03 -2.60 -12.39
CA ILE D 175 20.09 -2.78 -10.94
C ILE D 175 19.42 -4.04 -10.45
N ALA D 176 18.94 -4.84 -11.39
CA ALA D 176 18.28 -6.09 -11.09
C ALA D 176 19.26 -7.16 -10.57
N GLY D 177 18.80 -7.92 -9.58
CA GLY D 177 19.60 -8.99 -9.01
C GLY D 177 19.12 -10.34 -9.54
N ASP D 178 19.63 -11.41 -8.94
CA ASP D 178 19.27 -12.76 -9.34
C ASP D 178 18.40 -13.48 -8.33
N LEU D 179 18.14 -12.85 -7.20
CA LEU D 179 17.29 -13.44 -6.16
C LEU D 179 15.94 -12.68 -6.13
N ALA D 180 14.85 -13.40 -5.91
CA ALA D 180 13.52 -12.80 -5.87
C ALA D 180 13.45 -11.75 -4.77
N GLY D 181 12.62 -10.74 -4.98
CA GLY D 181 12.45 -9.69 -3.99
C GLY D 181 11.37 -10.06 -2.98
N SER D 182 10.42 -10.90 -3.37
CA SER D 182 9.36 -11.36 -2.49
C SER D 182 8.92 -12.75 -2.94
N GLY D 183 8.22 -13.48 -2.07
CA GLY D 183 7.77 -14.80 -2.45
C GLY D 183 6.39 -14.91 -3.04
N ASN D 184 5.37 -14.70 -2.21
CA ASN D 184 4.00 -14.80 -2.70
C ASN D 184 3.60 -13.75 -3.70
N THR D 185 4.27 -12.60 -3.67
CA THR D 185 3.95 -11.53 -4.63
C THR D 185 4.93 -11.49 -5.83
N THR D 186 5.68 -12.59 -6.01
CA THR D 186 6.62 -12.83 -7.11
C THR D 186 7.26 -11.61 -7.79
N ASN D 187 8.09 -10.96 -7.02
CA ASN D 187 8.78 -9.78 -7.45
C ASN D 187 10.24 -10.06 -7.70
N ILE D 188 10.79 -9.28 -8.61
CA ILE D 188 12.19 -9.29 -8.95
C ILE D 188 12.92 -8.57 -7.80
N GLY D 189 14.04 -9.15 -7.36
CA GLY D 189 14.84 -8.53 -6.33
C GLY D 189 15.94 -7.73 -7.04
N SER D 190 16.36 -6.62 -6.45
CA SER D 190 17.40 -5.79 -7.03
C SER D 190 18.68 -6.29 -6.38
N ILE D 191 19.81 -5.73 -6.79
CA ILE D 191 21.07 -6.11 -6.18
C ILE D 191 20.98 -5.70 -4.72
N HIS D 192 21.81 -6.28 -3.87
CA HIS D 192 21.82 -5.88 -2.49
C HIS D 192 23.16 -5.19 -2.31
N ALA D 193 23.16 -3.88 -2.50
CA ALA D 193 24.36 -3.07 -2.46
C ALA D 193 24.13 -1.71 -1.77
N HIS D 194 25.14 -0.84 -1.86
CA HIS D 194 25.07 0.52 -1.31
C HIS D 194 24.50 1.46 -2.35
N TYR D 195 23.84 2.52 -1.86
CA TYR D 195 23.24 3.54 -2.70
C TYR D 195 24.15 3.87 -3.91
N LYS D 196 25.44 4.04 -3.63
CA LYS D 196 26.45 4.35 -4.64
C LYS D 196 26.41 3.44 -5.87
N ASP D 197 26.32 2.14 -5.61
CA ASP D 197 26.27 1.14 -6.68
C ASP D 197 25.07 1.29 -7.57
N PHE D 198 23.96 1.71 -6.98
CA PHE D 198 22.73 1.88 -7.74
C PHE D 198 22.89 3.05 -8.68
N VAL D 199 23.49 4.13 -8.15
CA VAL D 199 23.70 5.34 -8.93
C VAL D 199 24.61 5.05 -10.13
N GLU D 200 25.73 4.39 -9.87
CA GLU D 200 26.69 4.03 -10.92
C GLU D 200 26.20 2.90 -11.85
N GLY D 201 25.36 2.02 -11.31
CA GLY D 201 24.82 0.93 -12.11
C GLY D 201 25.70 -0.30 -12.08
N LYS D 202 26.11 -0.70 -10.89
CA LYS D 202 26.97 -1.86 -10.72
C LYS D 202 26.12 -3.12 -10.52
N GLY D 203 25.52 -3.59 -11.60
CA GLY D 203 24.68 -4.76 -11.53
C GLY D 203 25.40 -6.09 -11.79
N ILE D 204 24.61 -7.12 -12.02
CA ILE D 204 25.12 -8.47 -12.30
C ILE D 204 24.83 -8.99 -13.72
N PHE D 205 23.77 -8.50 -14.37
CA PHE D 205 23.43 -8.95 -15.71
C PHE D 205 24.27 -8.28 -16.80
N ASP D 206 24.67 -9.07 -17.81
CA ASP D 206 25.48 -8.57 -18.93
C ASP D 206 24.70 -7.61 -19.80
N SER D 207 23.43 -7.91 -19.99
CA SER D 207 22.59 -7.08 -20.83
C SER D 207 21.15 -7.12 -20.32
N GLU D 208 20.31 -6.33 -20.96
CA GLU D 208 18.90 -6.29 -20.62
C GLU D 208 18.27 -7.59 -21.15
N ASP D 209 18.77 -8.08 -22.28
CA ASP D 209 18.30 -9.33 -22.88
C ASP D 209 18.52 -10.55 -21.93
N GLU D 210 19.65 -10.56 -21.23
CA GLU D 210 19.95 -11.59 -20.25
C GLU D 210 19.05 -11.37 -19.04
N PHE D 211 18.86 -10.12 -18.64
CA PHE D 211 17.98 -9.76 -17.51
C PHE D 211 16.58 -10.33 -17.76
N LEU D 212 16.04 -10.08 -18.95
CA LEU D 212 14.74 -10.55 -19.34
C LEU D 212 14.64 -12.07 -19.42
N ASP D 213 15.64 -12.71 -20.00
CA ASP D 213 15.63 -14.16 -20.11
C ASP D 213 15.66 -14.82 -18.70
N TYR D 214 16.53 -14.35 -17.83
CA TYR D 214 16.62 -14.91 -16.50
C TYR D 214 15.22 -14.85 -15.79
N TRP D 215 14.59 -13.68 -15.80
CA TRP D 215 13.29 -13.54 -15.11
C TRP D 215 12.06 -14.17 -15.75
N ARG D 216 12.10 -14.36 -17.08
CA ARG D 216 11.02 -15.01 -17.81
C ARG D 216 11.03 -16.52 -17.56
N ASN D 217 12.17 -17.05 -17.13
CA ASN D 217 12.31 -18.49 -16.89
C ASN D 217 12.54 -18.86 -15.44
N TYR D 218 12.53 -17.86 -14.58
CA TYR D 218 12.68 -18.06 -13.14
C TYR D 218 11.43 -18.79 -12.57
N GLU D 219 11.68 -19.89 -11.84
CA GLU D 219 10.63 -20.66 -11.22
C GLU D 219 10.23 -20.05 -9.84
N ARG D 220 8.95 -20.13 -9.53
CA ARG D 220 8.39 -19.57 -8.30
C ARG D 220 8.92 -20.04 -6.96
N THR D 221 9.05 -21.34 -6.80
CA THR D 221 9.52 -21.88 -5.53
C THR D 221 10.87 -22.55 -5.65
N SER D 222 11.57 -22.66 -4.51
CA SER D 222 12.89 -23.26 -4.51
C SER D 222 12.86 -24.70 -4.99
N GLN D 223 11.73 -25.36 -4.83
CA GLN D 223 11.60 -26.75 -5.28
C GLN D 223 11.78 -26.80 -6.80
N LEU D 224 10.94 -26.06 -7.50
CA LEU D 224 11.00 -25.99 -8.96
C LEU D 224 12.36 -25.45 -9.42
N ARG D 225 12.94 -24.57 -8.61
CA ARG D 225 14.21 -23.96 -8.96
C ARG D 225 15.45 -24.79 -8.82
N ASN D 226 15.57 -25.54 -7.73
CA ASN D 226 16.76 -26.35 -7.49
C ASN D 226 17.15 -27.30 -8.65
N ASP D 227 16.19 -27.58 -9.53
CA ASP D 227 16.42 -28.47 -10.65
C ASP D 227 16.67 -27.69 -11.92
N LYS D 228 16.76 -26.36 -11.80
CA LYS D 228 16.96 -25.46 -12.96
C LYS D 228 18.05 -24.45 -12.65
N TYR D 229 17.68 -23.35 -11.99
CA TYR D 229 18.66 -22.33 -11.55
C TYR D 229 18.10 -21.45 -10.44
N ASN D 230 18.98 -21.09 -9.52
CA ASN D 230 18.64 -20.27 -8.40
C ASN D 230 19.44 -18.98 -8.35
N ASN D 231 20.47 -18.87 -9.19
CA ASN D 231 21.28 -17.64 -9.24
C ASN D 231 21.88 -17.48 -10.64
N ILE D 232 22.68 -16.43 -10.82
CA ILE D 232 23.27 -16.14 -12.11
C ILE D 232 24.18 -17.28 -12.68
N SER D 233 25.09 -17.80 -11.84
CA SER D 233 25.98 -18.89 -12.25
C SER D 233 25.21 -20.09 -12.76
N GLU D 234 24.24 -20.54 -11.97
CA GLU D 234 23.40 -21.68 -12.33
C GLU D 234 22.62 -21.42 -13.60
N TYR D 235 22.24 -20.18 -13.84
CA TYR D 235 21.49 -19.85 -15.03
C TYR D 235 22.42 -19.99 -16.25
N ARG D 236 23.64 -19.49 -16.10
CA ARG D 236 24.61 -19.55 -17.19
C ARG D 236 24.94 -21.01 -17.56
N ASN D 237 24.96 -21.88 -16.54
CA ASN D 237 25.19 -23.28 -16.75
C ASN D 237 23.98 -23.89 -17.42
N TRP D 238 22.78 -23.47 -17.00
CA TRP D 238 21.52 -23.95 -17.58
C TRP D 238 21.47 -23.66 -19.10
N ILE D 239 22.04 -22.53 -19.51
CA ILE D 239 22.09 -22.18 -20.93
C ILE D 239 23.08 -23.12 -21.63
N TYR D 240 24.22 -23.36 -21.02
CA TYR D 240 25.22 -24.27 -21.58
C TYR D 240 24.57 -25.62 -21.82
N ARG D 241 23.88 -26.14 -20.80
CA ARG D 241 23.19 -27.44 -20.85
C ARG D 241 22.14 -27.52 -21.94
N GLY D 242 21.81 -26.38 -22.55
CA GLY D 242 20.81 -26.38 -23.60
C GLY D 242 19.43 -26.04 -23.05
N ARG D 243 19.41 -25.29 -21.94
CA ARG D 243 18.17 -24.86 -21.28
C ARG D 243 17.33 -26.06 -20.91
#